data_4IU7
#
_entry.id   4IU7
#
_cell.length_a   54.613
_cell.length_b   81.396
_cell.length_c   58.410
_cell.angle_alpha   90.00
_cell.angle_beta   109.94
_cell.angle_gamma   90.00
#
_symmetry.space_group_name_H-M   'P 1 21 1'
#
loop_
_entity.id
_entity.type
_entity.pdbx_description
1 polymer 'Estrogen receptor'
2 polymer 'Nuclear receptor coactivator 2'
3 non-polymer 4-[2-ethyl-7-(trifluoromethyl)-2H-indazol-3-yl]benzene-1,3-diol
4 water water
#
loop_
_entity_poly.entity_id
_entity_poly.type
_entity_poly.pdbx_seq_one_letter_code
_entity_poly.pdbx_strand_id
1 'polypeptide(L)'
;KNSLALSLTADQMVSALLDAEPPILYSEYDPTRPFSEASMMGLLTNLADRELVHMINWAKRVPGFVDLTLHDQVHLLECA
WLEILMIGLVWRSMEHPGKLLFAPNLLLDRNQGKCVEGMVEIFDMLLATSSRFRMMNLQGEEFVCLKSIILLNSGVYTFL
SSTLKSLEEKDHIHRVLDKITDTLIHLMAKAGLTLQQQHQRLAQLLLILSHIRHMSNKGMEHLYSMKCKNVVPLSDLLLE
MLDAHRL
;
A,B
2 'polypeptide(L)' HKILHRLLQD C,D
#
# COMPACT_ATOMS: atom_id res chain seq x y z
N ASN A 2 -9.81 6.74 -28.61
CA ASN A 2 -8.40 6.76 -28.22
C ASN A 2 -8.04 7.95 -27.33
N SER A 3 -7.45 7.66 -26.18
CA SER A 3 -7.08 8.69 -25.22
C SER A 3 -5.87 9.49 -25.70
N LEU A 4 -5.90 10.79 -25.47
CA LEU A 4 -4.80 11.66 -25.86
C LEU A 4 -3.55 11.40 -25.03
N ALA A 5 -3.76 10.97 -23.80
CA ALA A 5 -2.66 10.76 -22.85
C ALA A 5 -1.54 9.91 -23.44
N LEU A 6 -1.90 8.84 -24.13
CA LEU A 6 -0.92 7.90 -24.66
C LEU A 6 -0.10 8.48 -25.80
N SER A 7 -0.56 9.59 -26.36
CA SER A 7 0.13 10.24 -27.47
C SER A 7 1.07 11.35 -26.99
N LEU A 8 1.06 11.62 -25.69
CA LEU A 8 1.91 12.65 -25.12
C LEU A 8 3.35 12.15 -24.99
N THR A 9 4.30 13.07 -25.09
CA THR A 9 5.71 12.74 -24.87
C THR A 9 6.03 12.90 -23.39
N ALA A 10 7.12 12.29 -22.95
CA ALA A 10 7.53 12.37 -21.54
C ALA A 10 7.53 13.81 -21.07
N ASP A 11 8.12 14.70 -21.87
CA ASP A 11 8.14 16.13 -21.55
C ASP A 11 6.74 16.73 -21.61
N GLN A 12 5.87 16.15 -22.45
CA GLN A 12 4.50 16.61 -22.56
C GLN A 12 3.64 16.08 -21.42
N MET A 13 4.13 15.05 -20.74
CA MET A 13 3.45 14.49 -19.59
C MET A 13 3.79 15.30 -18.34
N VAL A 14 5.04 15.79 -18.30
CA VAL A 14 5.55 16.44 -17.10
C VAL A 14 4.98 17.84 -16.86
N SER A 15 5.12 18.73 -17.84
CA SER A 15 4.68 20.12 -17.73
CA SER A 15 4.68 20.11 -17.66
C SER A 15 3.16 20.22 -17.60
N ALA A 16 2.47 19.12 -17.85
CA ALA A 16 1.02 19.08 -17.75
C ALA A 16 0.64 18.79 -16.31
N LEU A 17 1.35 17.85 -15.71
CA LEU A 17 1.19 17.53 -14.29
C LEU A 17 1.66 18.72 -13.45
N LEU A 18 2.77 19.32 -13.87
CA LEU A 18 3.29 20.51 -13.19
C LEU A 18 2.28 21.66 -13.23
N ASP A 19 1.78 21.95 -14.43
CA ASP A 19 0.84 23.05 -14.62
C ASP A 19 -0.51 22.77 -13.96
N ALA A 20 -0.80 21.49 -13.73
CA ALA A 20 -2.07 21.08 -13.15
C ALA A 20 -2.03 21.12 -11.63
N GLU A 21 -0.82 21.26 -11.09
CA GLU A 21 -0.63 21.30 -9.63
C GLU A 21 -1.58 22.29 -8.96
N PRO A 22 -2.24 21.84 -7.89
CA PRO A 22 -3.08 22.73 -7.07
C PRO A 22 -2.20 23.58 -6.18
N PRO A 23 -2.69 24.77 -5.79
CA PRO A 23 -1.91 25.70 -4.98
C PRO A 23 -1.79 25.25 -3.53
N ILE A 24 -0.82 25.80 -2.81
CA ILE A 24 -0.65 25.52 -1.39
C ILE A 24 -1.56 26.43 -0.57
N LEU A 25 -2.59 25.85 0.04
CA LEU A 25 -3.58 26.63 0.76
C LEU A 25 -3.09 26.97 2.17
N TYR A 26 -3.67 28.02 2.75
CA TYR A 26 -3.33 28.43 4.11
C TYR A 26 -4.41 28.01 5.10
N SER A 27 -4.01 27.87 6.35
CA SER A 27 -4.95 27.59 7.43
C SER A 27 -5.37 28.91 8.07
N GLU A 28 -6.23 28.83 9.08
CA GLU A 28 -6.64 30.03 9.80
C GLU A 28 -5.41 30.81 10.24
N TYR A 29 -5.49 32.14 10.15
CA TYR A 29 -4.36 32.99 10.50
C TYR A 29 -4.21 33.20 12.01
N ASP A 30 -4.91 32.39 12.80
CA ASP A 30 -4.81 32.47 14.25
C ASP A 30 -3.50 31.85 14.74
N PRO A 31 -2.73 32.61 15.53
CA PRO A 31 -1.38 32.22 15.98
C PRO A 31 -1.38 31.22 17.12
N THR A 32 -2.53 30.62 17.43
CA THR A 32 -2.63 29.67 18.53
C THR A 32 -2.24 28.26 18.10
N ARG A 33 -1.11 27.78 18.61
CA ARG A 33 -0.70 26.41 18.35
C ARG A 33 -1.71 25.44 18.94
N PRO A 34 -2.34 24.62 18.08
CA PRO A 34 -3.39 23.69 18.50
C PRO A 34 -2.82 22.53 19.32
N PHE A 35 -3.51 22.19 20.41
CA PHE A 35 -3.11 21.05 21.23
C PHE A 35 -4.29 20.14 21.54
N SER A 36 -5.49 20.72 21.57
CA SER A 36 -6.70 19.93 21.75
C SER A 36 -7.04 19.21 20.44
N GLU A 37 -7.85 18.16 20.54
CA GLU A 37 -8.29 17.45 19.34
C GLU A 37 -9.23 18.32 18.53
N ALA A 38 -10.11 19.04 19.22
CA ALA A 38 -11.09 19.90 18.58
C ALA A 38 -10.41 20.96 17.71
N SER A 39 -9.44 21.66 18.29
CA SER A 39 -8.73 22.72 17.58
C SER A 39 -7.90 22.17 16.42
N MET A 40 -7.18 21.08 16.68
CA MET A 40 -6.32 20.48 15.66
C MET A 40 -7.13 19.93 14.49
N MET A 41 -8.03 19.00 14.80
CA MET A 41 -8.84 18.35 13.78
C MET A 41 -9.71 19.35 13.03
N GLY A 42 -10.11 20.42 13.71
CA GLY A 42 -10.89 21.46 13.07
C GLY A 42 -10.09 22.11 11.96
N LEU A 43 -8.85 22.46 12.26
CA LEU A 43 -7.95 23.06 11.29
C LEU A 43 -7.64 22.09 10.15
N LEU A 44 -7.42 20.83 10.51
CA LEU A 44 -7.10 19.80 9.53
C LEU A 44 -8.25 19.55 8.55
N THR A 45 -9.46 19.38 9.08
CA THR A 45 -10.62 19.09 8.25
C THR A 45 -11.01 20.30 7.41
N ASN A 46 -10.93 21.49 7.99
CA ASN A 46 -11.19 22.72 7.26
C ASN A 46 -10.27 22.83 6.05
N LEU A 47 -8.98 22.64 6.29
CA LEU A 47 -7.98 22.67 5.23
C LEU A 47 -8.25 21.58 4.21
N ALA A 48 -8.58 20.38 4.70
CA ALA A 48 -8.88 19.24 3.85
C ALA A 48 -10.07 19.53 2.94
N ASP A 49 -11.08 20.19 3.49
CA ASP A 49 -12.27 20.56 2.73
C ASP A 49 -11.92 21.38 1.49
N ARG A 50 -11.18 22.45 1.71
CA ARG A 50 -10.82 23.37 0.63
C ARG A 50 -9.84 22.74 -0.35
N GLU A 51 -8.98 21.86 0.15
CA GLU A 51 -8.03 21.15 -0.71
C GLU A 51 -8.74 20.16 -1.63
N LEU A 52 -9.80 19.53 -1.13
CA LEU A 52 -10.56 18.58 -1.91
C LEU A 52 -11.12 19.21 -3.18
N VAL A 53 -11.56 20.46 -3.07
CA VAL A 53 -12.10 21.16 -4.22
C VAL A 53 -11.04 21.33 -5.30
N HIS A 54 -9.83 21.69 -4.90
CA HIS A 54 -8.71 21.82 -5.83
C HIS A 54 -8.30 20.45 -6.39
N MET A 55 -8.20 19.46 -5.51
CA MET A 55 -7.83 18.11 -5.91
C MET A 55 -8.74 17.62 -7.03
N ILE A 56 -10.02 17.97 -6.96
CA ILE A 56 -11.00 17.54 -7.95
C ILE A 56 -10.75 18.14 -9.33
N ASN A 57 -10.43 19.43 -9.37
CA ASN A 57 -10.11 20.09 -10.64
C ASN A 57 -8.70 19.73 -11.12
N TRP A 58 -7.86 19.28 -10.20
CA TRP A 58 -6.53 18.81 -10.56
C TRP A 58 -6.62 17.46 -11.27
N ALA A 59 -7.37 16.54 -10.68
CA ALA A 59 -7.56 15.21 -11.23
C ALA A 59 -8.06 15.27 -12.67
N LYS A 60 -8.98 16.19 -12.93
CA LYS A 60 -9.53 16.36 -14.28
C LYS A 60 -8.47 16.80 -15.27
N ARG A 61 -7.36 17.33 -14.77
CA ARG A 61 -6.27 17.77 -15.63
C ARG A 61 -5.26 16.65 -15.85
N VAL A 62 -5.32 15.61 -15.03
CA VAL A 62 -4.44 14.46 -15.16
C VAL A 62 -4.80 13.67 -16.42
N PRO A 63 -3.85 13.60 -17.37
CA PRO A 63 -4.07 12.94 -18.67
C PRO A 63 -4.64 11.54 -18.52
N GLY A 64 -5.69 11.25 -19.29
CA GLY A 64 -6.31 9.93 -19.27
C GLY A 64 -7.45 9.83 -18.26
N PHE A 65 -7.50 10.77 -17.32
CA PHE A 65 -8.52 10.76 -16.28
C PHE A 65 -9.87 11.22 -16.84
N VAL A 66 -9.84 12.20 -17.73
CA VAL A 66 -11.04 12.73 -18.34
C VAL A 66 -11.69 11.73 -19.29
N ASP A 67 -10.88 10.78 -19.77
CA ASP A 67 -11.37 9.76 -20.70
C ASP A 67 -12.14 8.68 -19.95
N LEU A 68 -12.27 8.84 -18.64
CA LEU A 68 -13.01 7.89 -17.83
C LEU A 68 -14.46 8.31 -17.65
N THR A 69 -15.32 7.35 -17.33
CA THR A 69 -16.71 7.67 -17.03
C THR A 69 -16.79 8.42 -15.70
N LEU A 70 -17.81 9.25 -15.56
CA LEU A 70 -18.00 10.01 -14.33
C LEU A 70 -17.93 9.07 -13.12
N HIS A 71 -18.57 7.91 -13.25
CA HIS A 71 -18.60 6.93 -12.17
C HIS A 71 -17.21 6.46 -11.78
N ASP A 72 -16.38 6.18 -12.78
CA ASP A 72 -15.01 5.75 -12.53
C ASP A 72 -14.20 6.87 -11.88
N GLN A 73 -14.35 8.10 -12.42
CA GLN A 73 -13.68 9.25 -11.85
C GLN A 73 -14.06 9.43 -10.39
N VAL A 74 -15.34 9.23 -10.09
CA VAL A 74 -15.83 9.32 -8.72
C VAL A 74 -15.19 8.26 -7.83
N HIS A 75 -15.15 7.02 -8.33
CA HIS A 75 -14.61 5.91 -7.56
C HIS A 75 -13.14 6.10 -7.21
N LEU A 76 -12.37 6.59 -8.19
CA LEU A 76 -10.94 6.79 -8.00
C LEU A 76 -10.63 7.87 -6.97
N LEU A 77 -11.38 8.96 -7.02
CA LEU A 77 -11.18 10.05 -6.08
C LEU A 77 -11.57 9.65 -4.66
N GLU A 78 -12.68 8.94 -4.53
CA GLU A 78 -13.14 8.46 -3.23
C GLU A 78 -12.11 7.54 -2.59
N CYS A 79 -11.42 6.78 -3.42
CA CYS A 79 -10.45 5.80 -2.95
CA CYS A 79 -10.45 5.79 -2.95
C CYS A 79 -9.11 6.44 -2.59
N ALA A 80 -8.66 7.39 -3.41
CA ALA A 80 -7.32 7.96 -3.25
C ALA A 80 -7.23 9.31 -2.57
N TRP A 81 -8.38 9.94 -2.31
CA TRP A 81 -8.40 11.32 -1.80
C TRP A 81 -7.46 11.55 -0.60
N LEU A 82 -7.51 10.66 0.39
CA LEU A 82 -6.66 10.82 1.58
C LEU A 82 -5.20 10.52 1.29
N GLU A 83 -4.94 9.51 0.45
CA GLU A 83 -3.59 9.20 0.02
C GLU A 83 -2.99 10.42 -0.67
N ILE A 84 -3.80 11.07 -1.50
CA ILE A 84 -3.37 12.23 -2.26
C ILE A 84 -3.10 13.43 -1.36
N LEU A 85 -3.99 13.66 -0.40
CA LEU A 85 -3.78 14.72 0.59
C LEU A 85 -2.50 14.48 1.37
N MET A 86 -2.31 13.23 1.80
CA MET A 86 -1.17 12.86 2.62
C MET A 86 0.18 12.99 1.93
N ILE A 87 0.28 12.48 0.70
CA ILE A 87 1.53 12.56 -0.04
C ILE A 87 1.88 14.01 -0.34
N GLY A 88 0.84 14.85 -0.44
CA GLY A 88 1.05 16.28 -0.60
C GLY A 88 1.62 16.88 0.67
N LEU A 89 1.07 16.46 1.81
CA LEU A 89 1.55 16.90 3.10
C LEU A 89 3.02 16.54 3.29
N VAL A 90 3.35 15.29 2.97
CA VAL A 90 4.73 14.80 3.09
C VAL A 90 5.68 15.58 2.19
N TRP A 91 5.24 15.86 0.96
CA TRP A 91 6.05 16.60 0.01
C TRP A 91 6.36 18.00 0.52
N ARG A 92 5.34 18.68 1.06
CA ARG A 92 5.50 20.03 1.57
C ARG A 92 6.42 20.04 2.79
N SER A 93 6.50 18.91 3.48
CA SER A 93 7.18 18.82 4.76
C SER A 93 8.65 18.41 4.64
N MET A 94 9.08 18.08 3.41
CA MET A 94 10.44 17.62 3.17
C MET A 94 11.51 18.48 3.85
N GLU A 95 11.45 19.79 3.62
CA GLU A 95 12.49 20.70 4.08
C GLU A 95 12.32 21.11 5.55
N HIS A 96 11.35 20.49 6.22
CA HIS A 96 11.09 20.80 7.62
C HIS A 96 11.15 19.53 8.47
N PRO A 97 12.36 18.96 8.62
CA PRO A 97 12.58 17.74 9.38
C PRO A 97 11.91 17.78 10.75
N GLY A 98 11.15 16.74 11.07
CA GLY A 98 10.47 16.65 12.35
C GLY A 98 9.19 17.46 12.39
N LYS A 99 8.91 18.16 11.30
CA LYS A 99 7.72 19.00 11.22
C LYS A 99 6.77 18.52 10.12
N LEU A 100 5.48 18.77 10.33
CA LEU A 100 4.48 18.50 9.30
C LEU A 100 3.83 19.80 8.87
N LEU A 101 4.15 20.24 7.66
CA LEU A 101 3.67 21.52 7.15
C LEU A 101 2.32 21.36 6.46
N PHE A 102 1.26 21.26 7.25
CA PHE A 102 -0.10 21.21 6.72
C PHE A 102 -0.38 22.47 5.93
N ALA A 103 0.22 23.58 6.37
CA ALA A 103 0.10 24.87 5.70
C ALA A 103 1.24 25.78 6.15
N PRO A 104 1.68 26.69 5.27
CA PRO A 104 2.78 27.60 5.56
C PRO A 104 2.66 28.21 6.95
N ASN A 105 1.43 28.46 7.39
CA ASN A 105 1.19 29.02 8.71
C ASN A 105 0.69 27.96 9.68
N LEU A 106 0.99 26.69 9.39
CA LEU A 106 0.60 25.59 10.25
C LEU A 106 1.57 24.42 10.18
N LEU A 107 2.59 24.45 11.04
CA LEU A 107 3.51 23.32 11.18
C LEU A 107 3.31 22.62 12.50
N LEU A 108 2.99 21.33 12.45
CA LEU A 108 2.75 20.54 13.65
C LEU A 108 3.86 19.53 13.87
N ASP A 109 4.13 19.21 15.14
CA ASP A 109 5.10 18.18 15.49
C ASP A 109 4.41 17.03 16.21
N ARG A 110 5.17 15.97 16.50
CA ARG A 110 4.60 14.79 17.13
C ARG A 110 4.07 15.09 18.53
N ASN A 111 4.59 16.14 19.15
CA ASN A 111 4.13 16.55 20.47
C ASN A 111 2.68 17.00 20.45
N GLN A 112 2.24 17.55 19.32
CA GLN A 112 0.86 17.99 19.17
C GLN A 112 -0.04 16.84 18.72
N GLY A 113 0.57 15.82 18.12
CA GLY A 113 -0.15 14.63 17.73
C GLY A 113 -0.47 13.78 18.95
N LYS A 114 0.38 13.90 19.97
CA LYS A 114 0.19 13.15 21.21
C LYS A 114 -1.15 13.48 21.86
N CYS A 115 -1.53 14.75 21.79
CA CYS A 115 -2.76 15.23 22.44
C CYS A 115 -4.03 14.71 21.75
N VAL A 116 -3.85 13.80 20.80
CA VAL A 116 -4.97 13.14 20.14
C VAL A 116 -4.69 11.65 20.01
N GLU A 117 -5.38 10.85 20.80
CA GLU A 117 -5.17 9.40 20.83
C GLU A 117 -5.17 8.79 19.43
N GLY A 118 -4.11 8.05 19.11
CA GLY A 118 -4.02 7.35 17.84
C GLY A 118 -3.55 8.23 16.71
N MET A 119 -3.21 9.48 17.02
CA MET A 119 -2.76 10.42 16.02
C MET A 119 -1.24 10.43 15.89
N VAL A 120 -0.55 10.36 17.02
CA VAL A 120 0.90 10.41 17.04
C VAL A 120 1.53 9.33 16.15
N GLU A 121 0.93 8.14 16.16
CA GLU A 121 1.43 7.04 15.34
C GLU A 121 1.40 7.41 13.86
N ILE A 122 0.33 8.09 13.45
CA ILE A 122 0.18 8.48 12.05
C ILE A 122 1.16 9.60 11.69
N PHE A 123 1.34 10.55 12.61
CA PHE A 123 2.32 11.62 12.41
C PHE A 123 3.70 11.04 12.21
N ASP A 124 4.10 10.12 13.09
CA ASP A 124 5.41 9.48 13.00
C ASP A 124 5.60 8.83 11.64
N MET A 125 4.54 8.23 11.11
CA MET A 125 4.60 7.60 9.80
C MET A 125 4.74 8.64 8.70
N LEU A 126 4.02 9.74 8.85
CA LEU A 126 4.10 10.86 7.91
C LEU A 126 5.49 11.49 7.94
N LEU A 127 6.01 11.71 9.15
CA LEU A 127 7.34 12.28 9.31
C LEU A 127 8.42 11.37 8.72
N ALA A 128 8.25 10.07 8.92
CA ALA A 128 9.21 9.09 8.38
C ALA A 128 9.18 9.11 6.86
N THR A 129 7.98 9.23 6.29
CA THR A 129 7.83 9.29 4.84
C THR A 129 8.47 10.56 4.30
N SER A 130 8.24 11.67 4.97
CA SER A 130 8.85 12.94 4.60
C SER A 130 10.37 12.84 4.62
N SER A 131 10.90 12.30 5.70
CA SER A 131 12.34 12.07 5.83
C SER A 131 12.87 11.24 4.66
N ARG A 132 12.16 10.16 4.36
CA ARG A 132 12.54 9.27 3.26
C ARG A 132 12.61 10.05 1.94
N PHE A 133 11.57 10.82 1.67
CA PHE A 133 11.52 11.66 0.48
C PHE A 133 12.73 12.58 0.39
N ARG A 134 13.14 13.12 1.55
CA ARG A 134 14.24 14.07 1.60
C ARG A 134 15.60 13.41 1.32
N MET A 135 15.84 12.25 1.92
CA MET A 135 17.09 11.53 1.72
C MET A 135 17.26 11.04 0.29
N MET A 136 16.13 10.73 -0.35
CA MET A 136 16.15 10.32 -1.75
C MET A 136 16.27 11.52 -2.67
N ASN A 137 16.19 12.71 -2.10
CA ASN A 137 16.20 13.94 -2.88
C ASN A 137 15.11 13.93 -3.93
N LEU A 138 13.89 13.59 -3.51
CA LEU A 138 12.75 13.54 -4.41
C LEU A 138 12.59 14.88 -5.13
N GLN A 139 12.38 14.81 -6.44
CA GLN A 139 12.19 16.00 -7.25
C GLN A 139 10.73 16.26 -7.54
N GLY A 140 10.37 17.54 -7.69
CA GLY A 140 9.00 17.93 -7.96
C GLY A 140 8.42 17.17 -9.15
N GLU A 141 9.19 17.04 -10.21
CA GLU A 141 8.74 16.31 -11.39
C GLU A 141 8.39 14.87 -11.05
N GLU A 142 9.13 14.30 -10.09
CA GLU A 142 8.87 12.94 -9.64
C GLU A 142 7.62 12.89 -8.76
N PHE A 143 7.51 13.85 -7.85
CA PHE A 143 6.36 13.93 -6.95
C PHE A 143 5.04 13.94 -7.71
N VAL A 144 4.93 14.82 -8.71
CA VAL A 144 3.70 14.96 -9.47
C VAL A 144 3.34 13.65 -10.19
N CYS A 145 4.37 12.91 -10.61
CA CYS A 145 4.14 11.61 -11.25
C CYS A 145 3.60 10.60 -10.27
N LEU A 146 4.19 10.55 -9.07
CA LEU A 146 3.74 9.66 -8.02
C LEU A 146 2.29 9.93 -7.64
N LYS A 147 1.95 11.21 -7.49
CA LYS A 147 0.60 11.59 -7.07
C LYS A 147 -0.45 11.14 -8.09
N SER A 148 -0.13 11.30 -9.37
CA SER A 148 -1.03 10.85 -10.44
C SER A 148 -1.20 9.34 -10.41
N ILE A 149 -0.11 8.64 -10.14
CA ILE A 149 -0.13 7.18 -10.05
C ILE A 149 -1.09 6.70 -8.97
N ILE A 150 -1.08 7.38 -7.83
CA ILE A 150 -2.00 7.07 -6.74
C ILE A 150 -3.45 7.24 -7.18
N LEU A 151 -3.71 8.30 -7.94
CA LEU A 151 -5.06 8.60 -8.40
C LEU A 151 -5.61 7.49 -9.28
N LEU A 152 -4.79 7.00 -10.21
CA LEU A 152 -5.23 6.01 -11.19
C LEU A 152 -5.09 4.58 -10.69
N ASN A 153 -4.23 4.37 -9.69
CA ASN A 153 -3.94 3.02 -9.20
C ASN A 153 -4.82 2.54 -8.06
N SER A 154 -4.94 3.37 -7.02
CA SER A 154 -5.58 2.97 -5.77
C SER A 154 -6.94 2.26 -5.93
N GLY A 155 -7.76 2.74 -6.85
CA GLY A 155 -9.08 2.16 -7.02
C GLY A 155 -9.24 1.39 -8.32
N VAL A 156 -8.14 1.11 -8.99
CA VAL A 156 -8.18 0.48 -10.30
C VAL A 156 -8.81 -0.91 -10.27
N TYR A 157 -8.65 -1.62 -9.15
CA TYR A 157 -9.21 -2.95 -9.01
C TYR A 157 -10.66 -2.90 -8.55
N THR A 158 -10.91 -2.19 -7.45
CA THR A 158 -12.26 -2.07 -6.89
C THR A 158 -13.29 -1.71 -7.95
N PHE A 159 -12.96 -1.97 -9.22
CA PHE A 159 -13.90 -1.79 -10.32
C PHE A 159 -14.61 -3.10 -10.64
N LYS A 170 -10.56 -0.91 -19.21
CA LYS A 170 -9.70 -1.42 -18.15
C LYS A 170 -8.22 -1.20 -18.48
N ASP A 171 -7.77 -1.76 -19.60
CA ASP A 171 -6.39 -1.59 -20.04
C ASP A 171 -5.99 -0.13 -20.09
N HIS A 172 -6.96 0.74 -20.38
CA HIS A 172 -6.69 2.17 -20.47
C HIS A 172 -5.87 2.68 -19.29
N ILE A 173 -6.36 2.42 -18.08
CA ILE A 173 -5.65 2.84 -16.88
C ILE A 173 -4.27 2.20 -16.78
N HIS A 174 -4.18 0.92 -17.12
CA HIS A 174 -2.89 0.22 -17.13
C HIS A 174 -1.94 0.84 -18.14
N ARG A 175 -2.48 1.19 -19.30
CA ARG A 175 -1.68 1.83 -20.35
C ARG A 175 -1.24 3.23 -19.94
N VAL A 176 -2.12 3.94 -19.24
CA VAL A 176 -1.81 5.29 -18.76
C VAL A 176 -0.78 5.22 -17.63
N LEU A 177 -0.87 4.17 -16.83
CA LEU A 177 0.09 3.95 -15.74
C LEU A 177 1.47 3.61 -16.30
N ASP A 178 1.49 2.82 -17.37
CA ASP A 178 2.74 2.52 -18.06
C ASP A 178 3.35 3.81 -18.60
N LYS A 179 2.49 4.68 -19.13
CA LYS A 179 2.93 5.96 -19.69
C LYS A 179 3.65 6.79 -18.64
N ILE A 180 3.08 6.84 -17.44
CA ILE A 180 3.69 7.56 -16.33
C ILE A 180 5.01 6.91 -15.91
N THR A 181 5.06 5.58 -16.01
CA THR A 181 6.28 4.86 -15.71
C THR A 181 7.39 5.27 -16.67
N ASP A 182 7.05 5.40 -17.94
CA ASP A 182 8.00 5.87 -18.94
C ASP A 182 8.51 7.26 -18.59
N THR A 183 7.61 8.09 -18.09
CA THR A 183 7.94 9.47 -17.74
C THR A 183 8.91 9.55 -16.55
N LEU A 184 8.68 8.70 -15.56
CA LEU A 184 9.55 8.66 -14.39
C LEU A 184 10.98 8.30 -14.79
N ILE A 185 11.12 7.20 -15.53
CA ILE A 185 12.42 6.78 -16.04
C ILE A 185 13.06 7.91 -16.85
N HIS A 186 12.25 8.52 -17.70
CA HIS A 186 12.69 9.66 -18.51
C HIS A 186 13.34 10.74 -17.63
N LEU A 187 12.67 11.08 -16.54
CA LEU A 187 13.16 12.10 -15.63
C LEU A 187 14.48 11.68 -14.98
N MET A 188 14.57 10.41 -14.59
CA MET A 188 15.77 9.89 -13.93
C MET A 188 16.95 9.83 -14.88
N ALA A 189 16.70 9.43 -16.12
CA ALA A 189 17.74 9.40 -17.13
C ALA A 189 18.18 10.82 -17.45
N LYS A 190 17.20 11.71 -17.58
CA LYS A 190 17.46 13.12 -17.84
C LYS A 190 18.29 13.72 -16.70
N ALA A 191 18.19 13.12 -15.53
CA ALA A 191 18.92 13.58 -14.36
C ALA A 191 20.29 12.93 -14.26
N GLY A 192 20.61 12.08 -15.24
CA GLY A 192 21.94 11.50 -15.33
C GLY A 192 22.14 10.18 -14.61
N LEU A 193 21.05 9.62 -14.08
CA LEU A 193 21.10 8.35 -13.40
C LEU A 193 21.47 7.21 -14.36
N THR A 194 22.26 6.26 -13.86
CA THR A 194 22.62 5.09 -14.65
C THR A 194 21.41 4.20 -14.86
N LEU A 195 21.52 3.25 -15.78
CA LEU A 195 20.42 2.33 -16.07
C LEU A 195 20.00 1.57 -14.82
N GLN A 196 20.97 1.12 -14.02
CA GLN A 196 20.67 0.42 -12.78
C GLN A 196 20.10 1.35 -11.73
N GLN A 197 20.65 2.56 -11.64
CA GLN A 197 20.15 3.55 -10.70
C GLN A 197 18.71 3.91 -11.01
N GLN A 198 18.34 3.80 -12.29
CA GLN A 198 16.99 4.14 -12.73
C GLN A 198 15.94 3.17 -12.20
N HIS A 199 16.17 1.87 -12.43
CA HIS A 199 15.19 0.88 -12.00
C HIS A 199 15.20 0.68 -10.48
N GLN A 200 16.31 1.02 -9.85
CA GLN A 200 16.41 0.95 -8.39
C GLN A 200 15.63 2.09 -7.73
N ARG A 201 15.73 3.29 -8.31
CA ARG A 201 14.99 4.44 -7.81
C ARG A 201 13.50 4.31 -8.09
N LEU A 202 13.18 3.79 -9.27
CA LEU A 202 11.79 3.53 -9.64
C LEU A 202 11.14 2.62 -8.59
N ALA A 203 11.85 1.56 -8.24
CA ALA A 203 11.36 0.61 -7.25
C ALA A 203 11.18 1.26 -5.88
N GLN A 204 12.17 2.06 -5.48
CA GLN A 204 12.13 2.75 -4.20
C GLN A 204 10.92 3.67 -4.09
N LEU A 205 10.67 4.41 -5.16
CA LEU A 205 9.55 5.35 -5.19
C LEU A 205 8.21 4.63 -5.08
N LEU A 206 8.03 3.60 -5.89
CA LEU A 206 6.77 2.87 -5.93
C LEU A 206 6.49 2.12 -4.62
N LEU A 207 7.55 1.66 -3.95
CA LEU A 207 7.39 0.93 -2.70
C LEU A 207 6.87 1.84 -1.58
N ILE A 208 7.10 3.15 -1.72
CA ILE A 208 6.63 4.11 -0.74
C ILE A 208 5.12 4.31 -0.83
N LEU A 209 4.57 4.05 -2.02
CA LEU A 209 3.12 4.11 -2.23
C LEU A 209 2.41 3.10 -1.34
N SER A 210 3.06 1.97 -1.09
CA SER A 210 2.50 0.97 -0.19
CA SER A 210 2.51 0.96 -0.18
C SER A 210 2.33 1.54 1.21
N HIS A 211 3.32 2.31 1.65
CA HIS A 211 3.29 2.93 2.95
C HIS A 211 2.32 4.11 2.99
N ILE A 212 2.16 4.80 1.85
CA ILE A 212 1.18 5.87 1.74
C ILE A 212 -0.24 5.30 1.86
N ARG A 213 -0.48 4.19 1.18
CA ARG A 213 -1.76 3.50 1.29
C ARG A 213 -2.04 3.12 2.74
N HIS A 214 -1.03 2.60 3.41
CA HIS A 214 -1.15 2.20 4.80
C HIS A 214 -1.60 3.36 5.67
N MET A 215 -0.91 4.50 5.55
CA MET A 215 -1.25 5.69 6.33
C MET A 215 -2.66 6.19 6.02
N SER A 216 -3.07 6.02 4.77
CA SER A 216 -4.40 6.43 4.34
C SER A 216 -5.47 5.60 5.04
N ASN A 217 -5.26 4.29 5.10
CA ASN A 217 -6.20 3.38 5.74
C ASN A 217 -6.29 3.59 7.25
N LYS A 218 -5.15 3.91 7.86
CA LYS A 218 -5.11 4.19 9.29
C LYS A 218 -5.80 5.53 9.58
N GLY A 219 -5.54 6.51 8.74
CA GLY A 219 -6.16 7.82 8.88
C GLY A 219 -7.67 7.74 8.68
N MET A 220 -8.09 6.87 7.77
CA MET A 220 -9.50 6.71 7.46
C MET A 220 -10.26 6.16 8.67
N GLU A 221 -9.66 5.18 9.33
CA GLU A 221 -10.24 4.60 10.54
C GLU A 221 -10.37 5.65 11.63
N HIS A 222 -9.33 6.47 11.81
CA HIS A 222 -9.33 7.49 12.84
C HIS A 222 -10.36 8.58 12.54
N LEU A 223 -10.51 8.91 11.26
CA LEU A 223 -11.50 9.89 10.84
C LEU A 223 -12.92 9.37 11.03
N TYR A 224 -13.08 8.06 10.95
CA TYR A 224 -14.39 7.44 11.14
C TYR A 224 -14.84 7.50 12.59
N SER A 225 -13.98 7.06 13.50
CA SER A 225 -14.30 7.10 14.92
C SER A 225 -14.58 8.53 15.35
N MET A 226 -13.83 9.46 14.77
CA MET A 226 -14.01 10.88 15.05
C MET A 226 -15.39 11.33 14.58
N LYS A 227 -15.85 10.76 13.48
CA LYS A 227 -17.17 11.06 12.94
C LYS A 227 -18.26 10.56 13.89
N CYS A 228 -18.01 9.45 14.56
CA CYS A 228 -18.99 8.88 15.50
C CYS A 228 -19.07 9.71 16.77
N LYS A 229 -17.94 10.26 17.21
CA LYS A 229 -17.91 11.12 18.38
C LYS A 229 -18.58 12.46 18.08
N ASN A 230 -18.66 12.78 16.79
CA ASN A 230 -19.38 13.95 16.31
C ASN A 230 -19.08 15.24 17.09
N VAL A 231 -17.85 15.38 17.57
CA VAL A 231 -17.42 16.59 18.24
C VAL A 231 -16.93 17.62 17.22
N VAL A 232 -15.89 17.24 16.47
CA VAL A 232 -15.37 18.07 15.40
C VAL A 232 -16.28 18.03 14.18
N PRO A 233 -16.75 19.20 13.74
CA PRO A 233 -17.67 19.31 12.60
C PRO A 233 -17.03 18.83 11.29
N LEU A 234 -17.74 18.00 10.54
CA LEU A 234 -17.25 17.53 9.25
C LEU A 234 -18.16 18.01 8.11
N SER A 235 -17.55 18.54 7.06
CA SER A 235 -18.30 19.00 5.90
C SER A 235 -18.97 17.82 5.20
N ASP A 236 -20.09 18.08 4.54
CA ASP A 236 -20.81 17.03 3.84
C ASP A 236 -19.92 16.32 2.81
N LEU A 237 -19.00 17.07 2.21
CA LEU A 237 -18.08 16.49 1.24
C LEU A 237 -17.14 15.48 1.90
N LEU A 238 -16.58 15.85 3.04
CA LEU A 238 -15.73 14.94 3.79
C LEU A 238 -16.49 13.70 4.21
N LEU A 239 -17.71 13.90 4.71
CA LEU A 239 -18.55 12.78 5.13
C LEU A 239 -18.77 11.78 3.99
N GLU A 240 -19.09 12.29 2.81
CA GLU A 240 -19.36 11.43 1.65
C GLU A 240 -18.09 10.76 1.13
N MET A 241 -16.99 11.50 1.12
CA MET A 241 -15.69 10.92 0.78
C MET A 241 -15.34 9.85 1.79
N LEU A 242 -15.44 10.19 3.07
CA LEU A 242 -15.20 9.25 4.16
C LEU A 242 -16.17 8.07 4.09
N ASP A 243 -17.42 8.37 3.75
CA ASP A 243 -18.46 7.36 3.67
C ASP A 243 -18.12 6.25 2.66
N ALA A 244 -17.57 6.66 1.51
CA ALA A 244 -17.26 5.72 0.44
C ALA A 244 -16.36 4.57 0.88
N HIS A 245 -15.77 4.69 2.07
CA HIS A 245 -14.83 3.69 2.56
C HIS A 245 -15.47 2.69 3.52
N ARG A 246 -16.74 2.37 3.30
CA ARG A 246 -17.43 1.38 4.10
C ARG A 246 -18.32 0.51 3.22
N SER B 3 28.03 -9.63 4.87
CA SER B 3 26.85 -10.48 5.04
C SER B 3 26.89 -11.67 4.10
N LEU B 4 25.75 -11.98 3.50
CA LEU B 4 25.64 -13.07 2.55
C LEU B 4 24.67 -12.70 1.43
N ALA B 5 23.61 -12.00 1.77
CA ALA B 5 22.58 -11.62 0.81
C ALA B 5 23.09 -10.58 -0.18
N LEU B 6 24.11 -9.82 0.22
CA LEU B 6 24.64 -8.74 -0.61
C LEU B 6 25.55 -9.24 -1.73
N SER B 7 26.09 -10.44 -1.57
CA SER B 7 27.06 -10.96 -2.52
C SER B 7 26.48 -12.05 -3.42
N LEU B 8 25.16 -12.22 -3.38
CA LEU B 8 24.50 -13.22 -4.21
C LEU B 8 24.22 -12.69 -5.62
N THR B 9 24.27 -13.58 -6.60
CA THR B 9 23.90 -13.23 -7.96
C THR B 9 22.39 -13.31 -8.11
N ALA B 10 21.85 -12.66 -9.14
CA ALA B 10 20.41 -12.67 -9.36
C ALA B 10 19.87 -14.09 -9.38
N ASP B 11 20.50 -14.94 -10.19
CA ASP B 11 20.08 -16.34 -10.29
C ASP B 11 20.24 -17.08 -8.97
N GLN B 12 21.23 -16.70 -8.18
CA GLN B 12 21.40 -17.27 -6.85
C GLN B 12 20.26 -16.83 -5.94
N MET B 13 19.94 -15.54 -5.98
CA MET B 13 18.85 -15.01 -5.19
C MET B 13 17.55 -15.77 -5.45
N VAL B 14 17.24 -15.97 -6.72
CA VAL B 14 16.04 -16.68 -7.12
C VAL B 14 16.04 -18.11 -6.58
N SER B 15 17.15 -18.81 -6.78
CA SER B 15 17.29 -20.18 -6.30
C SER B 15 17.00 -20.27 -4.81
N ALA B 16 17.68 -19.43 -4.04
CA ALA B 16 17.51 -19.40 -2.59
C ALA B 16 16.04 -19.21 -2.20
N LEU B 17 15.35 -18.34 -2.94
CA LEU B 17 13.95 -18.05 -2.64
C LEU B 17 13.02 -19.19 -3.03
N LEU B 18 13.18 -19.71 -4.23
CA LEU B 18 12.37 -20.83 -4.69
C LEU B 18 12.51 -22.01 -3.75
N ASP B 19 13.70 -22.17 -3.19
CA ASP B 19 14.01 -23.29 -2.31
C ASP B 19 13.41 -23.09 -0.93
N ALA B 20 13.17 -21.84 -0.56
CA ALA B 20 12.65 -21.51 0.77
C ALA B 20 11.12 -21.51 0.81
N GLU B 21 10.49 -21.65 -0.36
CA GLU B 21 9.04 -21.67 -0.44
C GLU B 21 8.42 -22.64 0.56
N PRO B 22 7.41 -22.16 1.31
CA PRO B 22 6.68 -23.02 2.25
C PRO B 22 5.79 -24.00 1.49
N PRO B 23 5.41 -25.12 2.12
CA PRO B 23 4.55 -26.11 1.46
C PRO B 23 3.10 -25.66 1.44
N ILE B 24 2.30 -26.23 0.55
CA ILE B 24 0.88 -25.92 0.50
C ILE B 24 0.11 -26.81 1.47
N LEU B 25 -0.43 -26.19 2.51
CA LEU B 25 -1.14 -26.93 3.55
C LEU B 25 -2.59 -27.21 3.16
N TYR B 26 -3.17 -28.23 3.79
CA TYR B 26 -4.57 -28.55 3.57
C TYR B 26 -5.43 -27.96 4.67
N SER B 27 -6.69 -27.68 4.35
CA SER B 27 -7.66 -27.27 5.36
C SER B 27 -8.35 -28.51 5.89
N GLU B 28 -9.26 -28.32 6.85
CA GLU B 28 -10.00 -29.44 7.41
C GLU B 28 -11.41 -29.46 6.85
N TYR B 29 -11.58 -28.85 5.68
CA TYR B 29 -12.88 -28.79 5.02
C TYR B 29 -13.40 -30.17 4.65
N ASP B 30 -14.70 -30.38 4.87
CA ASP B 30 -15.34 -31.64 4.52
C ASP B 30 -16.70 -31.35 3.89
N PRO B 31 -16.84 -31.67 2.60
CA PRO B 31 -18.04 -31.35 1.82
C PRO B 31 -19.28 -32.08 2.34
N THR B 32 -19.08 -33.16 3.08
CA THR B 32 -20.19 -33.92 3.64
C THR B 32 -20.70 -33.28 4.92
N ARG B 33 -19.84 -32.48 5.56
CA ARG B 33 -20.21 -31.81 6.80
C ARG B 33 -20.76 -30.41 6.53
N PRO B 34 -21.83 -30.05 7.23
CA PRO B 34 -22.45 -28.72 7.09
C PRO B 34 -21.60 -27.64 7.76
N PHE B 35 -21.49 -26.48 7.11
CA PHE B 35 -20.74 -25.37 7.66
C PHE B 35 -21.57 -24.09 7.72
N SER B 36 -21.26 -23.24 8.69
CA SER B 36 -21.91 -21.95 8.81
C SER B 36 -20.89 -20.84 8.55
N GLU B 37 -21.37 -19.60 8.52
CA GLU B 37 -20.50 -18.46 8.38
C GLU B 37 -19.26 -18.62 9.26
N ALA B 38 -19.50 -18.94 10.53
CA ALA B 38 -18.43 -19.10 11.51
C ALA B 38 -17.56 -20.31 11.20
N SER B 39 -18.19 -21.44 10.92
CA SER B 39 -17.46 -22.67 10.62
C SER B 39 -16.48 -22.45 9.48
N MET B 40 -16.96 -21.88 8.38
CA MET B 40 -16.14 -21.65 7.20
C MET B 40 -14.91 -20.79 7.54
N MET B 41 -15.15 -19.68 8.24
CA MET B 41 -14.06 -18.82 8.67
C MET B 41 -13.08 -19.58 9.57
N GLY B 42 -13.61 -20.48 10.38
CA GLY B 42 -12.77 -21.30 11.24
C GLY B 42 -11.73 -22.04 10.44
N LEU B 43 -12.13 -22.52 9.27
CA LEU B 43 -11.22 -23.19 8.36
C LEU B 43 -10.13 -22.23 7.88
N LEU B 44 -10.53 -21.01 7.55
CA LEU B 44 -9.57 -20.00 7.10
C LEU B 44 -8.55 -19.64 8.18
N THR B 45 -9.04 -19.41 9.39
CA THR B 45 -8.17 -19.01 10.49
C THR B 45 -7.31 -20.17 10.99
N ASN B 46 -7.89 -21.36 11.07
CA ASN B 46 -7.14 -22.55 11.44
C ASN B 46 -5.98 -22.78 10.48
N LEU B 47 -6.26 -22.63 9.19
CA LEU B 47 -5.26 -22.79 8.15
C LEU B 47 -4.16 -21.73 8.28
N ALA B 48 -4.58 -20.49 8.49
CA ALA B 48 -3.64 -19.37 8.62
C ALA B 48 -2.67 -19.61 9.77
N ASP B 49 -3.19 -20.10 10.88
CA ASP B 49 -2.37 -20.35 12.06
C ASP B 49 -1.25 -21.35 11.76
N ARG B 50 -1.57 -22.35 10.94
CA ARG B 50 -0.61 -23.38 10.59
C ARG B 50 0.39 -22.89 9.54
N GLU B 51 -0.06 -21.99 8.68
CA GLU B 51 0.81 -21.40 7.67
C GLU B 51 1.81 -20.44 8.30
N LEU B 52 1.42 -19.81 9.41
CA LEU B 52 2.26 -18.85 10.10
C LEU B 52 3.57 -19.48 10.60
N VAL B 53 3.51 -20.75 10.95
CA VAL B 53 4.69 -21.45 11.46
C VAL B 53 5.68 -21.67 10.33
N HIS B 54 5.17 -21.95 9.14
CA HIS B 54 6.03 -22.15 7.97
C HIS B 54 6.54 -20.82 7.44
N MET B 55 5.71 -19.79 7.55
CA MET B 55 6.10 -18.46 7.10
C MET B 55 7.29 -17.95 7.92
N ILE B 56 7.21 -18.16 9.23
CA ILE B 56 8.29 -17.76 10.14
C ILE B 56 9.61 -18.41 9.76
N ASN B 57 9.57 -19.72 9.49
CA ASN B 57 10.76 -20.45 9.08
C ASN B 57 11.17 -20.12 7.65
N TRP B 58 10.20 -19.72 6.84
CA TRP B 58 10.49 -19.26 5.48
C TRP B 58 11.19 -17.92 5.53
N ALA B 59 10.75 -17.06 6.44
CA ALA B 59 11.31 -15.72 6.58
C ALA B 59 12.80 -15.75 6.90
N LYS B 60 13.20 -16.73 7.70
CA LYS B 60 14.60 -16.88 8.09
C LYS B 60 15.50 -17.15 6.89
N ARG B 61 14.92 -17.76 5.85
CA ARG B 61 15.69 -18.14 4.67
C ARG B 61 15.69 -17.04 3.61
N VAL B 62 14.94 -15.98 3.85
CA VAL B 62 14.97 -14.82 2.98
C VAL B 62 16.27 -14.07 3.19
N PRO B 63 17.08 -13.96 2.12
CA PRO B 63 18.39 -13.31 2.19
C PRO B 63 18.35 -11.98 2.94
N GLY B 64 19.12 -11.89 4.02
CA GLY B 64 19.23 -10.65 4.77
C GLY B 64 18.39 -10.59 6.03
N PHE B 65 17.32 -11.37 6.06
CA PHE B 65 16.37 -11.33 7.18
C PHE B 65 17.01 -11.64 8.53
N VAL B 66 17.88 -12.65 8.56
CA VAL B 66 18.50 -13.07 9.80
C VAL B 66 19.69 -12.18 10.20
N ASP B 67 20.05 -11.26 9.31
CA ASP B 67 21.09 -10.28 9.61
C ASP B 67 20.55 -9.21 10.54
N LEU B 68 19.23 -9.25 10.77
CA LEU B 68 18.56 -8.25 11.58
C LEU B 68 18.37 -8.70 13.02
N THR B 69 18.19 -7.75 13.93
CA THR B 69 17.92 -8.06 15.32
C THR B 69 16.59 -8.80 15.45
N LEU B 70 16.46 -9.60 16.50
CA LEU B 70 15.23 -10.35 16.73
C LEU B 70 14.03 -9.41 16.81
N HIS B 71 14.22 -8.27 17.48
CA HIS B 71 13.17 -7.28 17.63
CA HIS B 71 13.15 -7.29 17.63
C HIS B 71 12.63 -6.81 16.28
N ASP B 72 13.53 -6.58 15.34
CA ASP B 72 13.15 -6.11 14.01
C ASP B 72 12.51 -7.22 13.19
N GLN B 73 13.00 -8.44 13.34
CA GLN B 73 12.40 -9.58 12.65
C GLN B 73 10.95 -9.72 13.08
N VAL B 74 10.71 -9.66 14.38
CA VAL B 74 9.37 -9.73 14.94
C VAL B 74 8.48 -8.65 14.35
N HIS B 75 8.99 -7.41 14.34
CA HIS B 75 8.23 -6.27 13.84
C HIS B 75 7.80 -6.46 12.39
N LEU B 76 8.72 -6.93 11.56
CA LEU B 76 8.46 -7.11 10.13
C LEU B 76 7.39 -8.16 9.86
N LEU B 77 7.45 -9.27 10.60
CA LEU B 77 6.49 -10.35 10.44
C LEU B 77 5.10 -9.94 10.93
N GLU B 78 5.06 -9.22 12.05
CA GLU B 78 3.79 -8.76 12.60
C GLU B 78 3.09 -7.81 11.64
N CYS B 79 3.89 -7.02 10.91
CA CYS B 79 3.35 -6.03 9.99
CA CYS B 79 3.34 -6.03 9.99
C CYS B 79 2.95 -6.63 8.65
N ALA B 80 3.66 -7.67 8.23
CA ALA B 80 3.45 -8.23 6.89
C ALA B 80 2.76 -9.59 6.83
N TRP B 81 2.52 -10.21 7.98
CA TRP B 81 2.01 -11.59 8.00
C TRP B 81 0.75 -11.80 7.16
N LEU B 82 -0.19 -10.87 7.22
CA LEU B 82 -1.43 -11.00 6.47
C LEU B 82 -1.23 -10.74 4.97
N GLU B 83 -0.43 -9.73 4.66
CA GLU B 83 -0.10 -9.44 3.26
C GLU B 83 0.52 -10.67 2.61
N ILE B 84 1.45 -11.29 3.33
CA ILE B 84 2.18 -12.45 2.82
C ILE B 84 1.25 -13.64 2.58
N LEU B 85 0.39 -13.92 3.55
CA LEU B 85 -0.60 -14.98 3.40
C LEU B 85 -1.51 -14.71 2.21
N MET B 86 -1.89 -13.44 2.04
CA MET B 86 -2.82 -13.04 0.98
C MET B 86 -2.25 -13.20 -0.42
N ILE B 87 -1.04 -12.66 -0.64
CA ILE B 87 -0.42 -12.76 -1.96
C ILE B 87 -0.13 -14.23 -2.30
N GLY B 88 0.10 -15.04 -1.27
CA GLY B 88 0.28 -16.47 -1.46
C GLY B 88 -1.01 -17.10 -1.93
N LEU B 89 -2.12 -16.68 -1.32
CA LEU B 89 -3.44 -17.14 -1.73
C LEU B 89 -3.71 -16.78 -3.19
N VAL B 90 -3.48 -15.52 -3.53
CA VAL B 90 -3.70 -15.04 -4.88
C VAL B 90 -2.85 -15.80 -5.90
N TRP B 91 -1.62 -16.10 -5.51
CA TRP B 91 -0.72 -16.87 -6.36
C TRP B 91 -1.25 -18.28 -6.60
N ARG B 92 -1.74 -18.91 -5.53
CA ARG B 92 -2.30 -20.25 -5.63
C ARG B 92 -3.58 -20.25 -6.45
N SER B 93 -4.23 -19.10 -6.55
CA SER B 93 -5.53 -19.00 -7.19
C SER B 93 -5.48 -18.55 -8.65
N MET B 94 -4.28 -18.20 -9.12
CA MET B 94 -4.11 -17.73 -10.49
C MET B 94 -4.88 -18.56 -11.52
N GLU B 95 -4.73 -19.88 -11.44
CA GLU B 95 -5.29 -20.77 -12.46
C GLU B 95 -6.72 -21.20 -12.15
N HIS B 96 -7.38 -20.46 -11.26
CA HIS B 96 -8.75 -20.77 -10.88
C HIS B 96 -9.63 -19.52 -10.92
N PRO B 97 -9.91 -19.02 -12.13
CA PRO B 97 -10.71 -17.81 -12.34
C PRO B 97 -12.02 -17.85 -11.57
N GLY B 98 -12.23 -16.85 -10.71
CA GLY B 98 -13.46 -16.74 -9.95
C GLY B 98 -13.45 -17.49 -8.63
N LYS B 99 -12.32 -18.13 -8.32
CA LYS B 99 -12.20 -18.91 -7.09
C LYS B 99 -10.90 -18.65 -6.35
N LEU B 100 -10.95 -18.73 -5.03
CA LEU B 100 -9.77 -18.56 -4.19
C LEU B 100 -9.34 -19.90 -3.60
N LEU B 101 -8.20 -20.39 -4.05
CA LEU B 101 -7.71 -21.69 -3.59
C LEU B 101 -6.96 -21.55 -2.27
N PHE B 102 -7.72 -21.49 -1.18
CA PHE B 102 -7.14 -21.46 0.15
C PHE B 102 -6.32 -22.72 0.39
N ALA B 103 -6.82 -23.83 -0.16
CA ALA B 103 -6.14 -25.11 -0.09
C ALA B 103 -6.65 -26.02 -1.20
N PRO B 104 -5.85 -27.01 -1.60
CA PRO B 104 -6.24 -27.93 -2.67
C PRO B 104 -7.66 -28.48 -2.46
N ASN B 105 -8.03 -28.69 -1.21
CA ASN B 105 -9.36 -29.19 -0.88
C ASN B 105 -10.31 -28.08 -0.48
N LEU B 106 -9.92 -26.84 -0.68
CA LEU B 106 -10.75 -25.70 -0.30
C LEU B 106 -10.73 -24.57 -1.32
N LEU B 107 -11.60 -24.67 -2.33
CA LEU B 107 -11.78 -23.59 -3.30
C LEU B 107 -13.09 -22.86 -3.05
N LEU B 108 -13.01 -21.55 -2.87
CA LEU B 108 -14.19 -20.75 -2.58
C LEU B 108 -14.37 -19.61 -3.58
N ASP B 109 -15.61 -19.33 -3.93
CA ASP B 109 -15.95 -18.18 -4.77
C ASP B 109 -16.64 -17.13 -3.92
N ARG B 110 -16.90 -15.97 -4.50
CA ARG B 110 -17.44 -14.85 -3.73
C ARG B 110 -18.72 -15.20 -2.96
N ASN B 111 -19.47 -16.18 -3.46
CA ASN B 111 -20.67 -16.62 -2.77
C ASN B 111 -20.36 -17.56 -1.61
N LYS B 114 -18.42 -17.02 0.40
CA LYS B 114 -18.33 -16.08 1.51
C LYS B 114 -19.72 -15.61 1.90
N CYS B 115 -19.89 -15.26 3.18
CA CYS B 115 -21.17 -14.80 3.68
C CYS B 115 -20.95 -14.04 4.98
N VAL B 116 -19.83 -14.33 5.63
CA VAL B 116 -19.45 -13.73 6.89
C VAL B 116 -19.44 -12.19 6.81
N GLU B 117 -20.43 -11.64 6.11
CA GLU B 117 -20.61 -10.20 6.04
C GLU B 117 -19.60 -9.55 5.10
N GLY B 118 -18.97 -8.48 5.56
CA GLY B 118 -18.01 -7.74 4.77
C GLY B 118 -16.80 -8.58 4.39
N MET B 119 -17.03 -9.87 4.21
CA MET B 119 -15.96 -10.79 3.82
C MET B 119 -15.89 -10.90 2.31
N VAL B 120 -16.98 -10.54 1.64
CA VAL B 120 -17.08 -10.62 0.20
C VAL B 120 -16.32 -9.47 -0.47
N GLU B 121 -16.23 -8.35 0.22
CA GLU B 121 -15.50 -7.19 -0.28
C GLU B 121 -14.02 -7.55 -0.47
N ILE B 122 -13.44 -8.20 0.54
CA ILE B 122 -12.06 -8.64 0.47
C ILE B 122 -11.89 -9.75 -0.56
N PHE B 123 -12.78 -10.73 -0.54
CA PHE B 123 -12.78 -11.80 -1.52
C PHE B 123 -12.70 -11.23 -2.93
N ASP B 124 -13.51 -10.21 -3.20
CA ASP B 124 -13.54 -9.57 -4.51
C ASP B 124 -12.21 -8.93 -4.87
N MET B 125 -11.58 -8.27 -3.89
CA MET B 125 -10.28 -7.66 -4.12
C MET B 125 -9.22 -8.72 -4.37
N LEU B 126 -9.27 -9.79 -3.59
CA LEU B 126 -8.34 -10.91 -3.75
C LEU B 126 -8.51 -11.54 -5.13
N LEU B 127 -9.75 -11.72 -5.54
CA LEU B 127 -10.06 -12.28 -6.86
C LEU B 127 -9.55 -11.37 -7.96
N ALA B 128 -9.71 -10.05 -7.76
CA ALA B 128 -9.21 -9.08 -8.72
C ALA B 128 -7.69 -9.18 -8.85
N THR B 129 -7.01 -9.23 -7.71
CA THR B 129 -5.57 -9.35 -7.69
C THR B 129 -5.12 -10.63 -8.39
N SER B 130 -5.93 -11.67 -8.25
CA SER B 130 -5.66 -12.96 -8.89
C SER B 130 -5.75 -12.82 -10.42
N SER B 131 -6.80 -12.17 -10.87
CA SER B 131 -7.00 -11.91 -12.30
C SER B 131 -5.86 -11.05 -12.83
N ARG B 132 -5.42 -10.09 -12.01
CA ARG B 132 -4.31 -9.21 -12.38
C ARG B 132 -3.05 -10.02 -12.62
N PHE B 133 -2.77 -10.98 -11.73
CA PHE B 133 -1.63 -11.87 -11.91
C PHE B 133 -1.75 -12.67 -13.20
N ARG B 134 -2.96 -13.15 -13.46
CA ARG B 134 -3.20 -14.03 -14.61
C ARG B 134 -2.99 -13.32 -15.94
N MET B 135 -3.49 -12.10 -16.06
CA MET B 135 -3.35 -11.33 -17.30
C MET B 135 -1.90 -10.92 -17.52
N MET B 136 -1.17 -10.71 -16.43
CA MET B 136 0.24 -10.37 -16.50
C MET B 136 1.08 -11.62 -16.74
N ASN B 137 0.48 -12.78 -16.50
CA ASN B 137 1.20 -14.05 -16.58
C ASN B 137 2.38 -14.06 -15.61
N LEU B 138 2.11 -13.72 -14.36
CA LEU B 138 3.15 -13.64 -13.34
C LEU B 138 3.94 -14.94 -13.26
N GLN B 139 5.25 -14.83 -13.09
CA GLN B 139 6.11 -16.01 -13.01
C GLN B 139 6.48 -16.31 -11.56
N GLY B 140 6.64 -17.60 -11.27
CA GLY B 140 6.99 -18.04 -9.93
C GLY B 140 8.22 -17.34 -9.39
N GLU B 141 9.21 -17.12 -10.27
CA GLU B 141 10.42 -16.42 -9.88
C GLU B 141 10.12 -14.99 -9.45
N GLU B 142 9.20 -14.34 -10.17
CA GLU B 142 8.78 -12.99 -9.83
C GLU B 142 8.00 -12.98 -8.52
N PHE B 143 7.14 -13.98 -8.35
CA PHE B 143 6.30 -14.08 -7.16
C PHE B 143 7.13 -14.13 -5.87
N VAL B 144 8.09 -15.06 -5.82
CA VAL B 144 8.94 -15.19 -4.65
C VAL B 144 9.70 -13.88 -4.37
N CYS B 145 9.97 -13.11 -5.42
CA CYS B 145 10.61 -11.81 -5.26
C CYS B 145 9.67 -10.80 -4.63
N LEU B 146 8.44 -10.75 -5.13
CA LEU B 146 7.43 -9.86 -4.59
C LEU B 146 7.17 -10.15 -3.11
N LYS B 147 7.07 -11.44 -2.78
CA LYS B 147 6.77 -11.85 -1.41
C LYS B 147 7.87 -11.41 -0.44
N SER B 148 9.12 -11.55 -0.84
CA SER B 148 10.24 -11.15 -0.01
C SER B 148 10.27 -9.63 0.18
N ILE B 149 9.82 -8.91 -0.84
CA ILE B 149 9.75 -7.45 -0.78
C ILE B 149 8.76 -7.00 0.29
N ILE B 150 7.59 -7.64 0.32
CA ILE B 150 6.58 -7.33 1.32
C ILE B 150 7.12 -7.56 2.73
N LEU B 151 7.81 -8.68 2.92
CA LEU B 151 8.40 -9.00 4.20
C LEU B 151 9.33 -7.90 4.68
N LEU B 152 10.18 -7.40 3.78
CA LEU B 152 11.21 -6.43 4.14
C LEU B 152 10.74 -4.99 4.12
N ASN B 153 9.71 -4.70 3.33
CA ASN B 153 9.30 -3.31 3.11
C ASN B 153 8.12 -2.83 3.95
N SER B 154 7.17 -3.71 4.22
CA SER B 154 5.92 -3.31 4.88
C SER B 154 6.10 -2.61 6.23
N GLY B 155 7.07 -3.06 7.01
CA GLY B 155 7.27 -2.51 8.34
C GLY B 155 8.52 -1.67 8.52
N VAL B 156 9.19 -1.36 7.41
CA VAL B 156 10.47 -0.66 7.46
C VAL B 156 10.35 0.76 7.99
N TYR B 157 9.13 1.29 8.02
CA TYR B 157 8.88 2.63 8.54
C TYR B 157 7.97 2.60 9.77
N LEU B 164 18.12 6.23 18.73
CA LEU B 164 17.58 5.48 17.60
C LEU B 164 18.59 5.39 16.46
N LYS B 165 19.86 5.45 16.79
CA LYS B 165 20.92 5.38 15.78
C LYS B 165 21.08 3.98 15.20
N SER B 166 20.12 3.11 15.47
CA SER B 166 20.10 1.80 14.85
C SER B 166 20.01 1.99 13.34
N LEU B 167 19.55 3.18 12.97
CA LEU B 167 19.45 3.61 11.57
C LEU B 167 20.18 2.70 10.59
N GLU B 168 21.38 2.26 10.97
CA GLU B 168 22.17 1.38 10.11
C GLU B 168 21.36 0.18 9.65
N GLU B 169 20.57 -0.39 10.55
CA GLU B 169 19.77 -1.57 10.25
C GLU B 169 18.82 -1.36 9.07
N LYS B 170 18.14 -0.22 9.05
CA LYS B 170 17.19 0.06 7.98
C LYS B 170 17.91 0.19 6.64
N ASP B 171 19.13 0.71 6.69
CA ASP B 171 19.95 0.86 5.49
C ASP B 171 20.24 -0.50 4.85
N HIS B 172 20.62 -1.47 5.68
CA HIS B 172 20.87 -2.83 5.20
C HIS B 172 19.63 -3.37 4.50
N ILE B 173 18.45 -3.09 5.06
CA ILE B 173 17.20 -3.53 4.48
C ILE B 173 17.00 -2.92 3.10
N HIS B 174 17.26 -1.63 2.98
CA HIS B 174 17.14 -0.93 1.70
C HIS B 174 18.10 -1.53 0.68
N ARG B 175 19.32 -1.84 1.12
CA ARG B 175 20.32 -2.45 0.25
C ARG B 175 19.83 -3.79 -0.26
N VAL B 176 19.20 -4.56 0.61
CA VAL B 176 18.67 -5.87 0.24
C VAL B 176 17.50 -5.70 -0.75
N LEU B 177 16.65 -4.72 -0.49
CA LEU B 177 15.53 -4.43 -1.38
C LEU B 177 16.03 -4.09 -2.78
N ASP B 178 17.02 -3.21 -2.86
CA ASP B 178 17.64 -2.87 -4.14
C ASP B 178 18.16 -4.14 -4.82
N LYS B 179 18.74 -5.02 -4.04
CA LYS B 179 19.24 -6.30 -4.54
C LYS B 179 18.13 -7.07 -5.24
N ILE B 180 16.96 -7.11 -4.60
CA ILE B 180 15.83 -7.85 -5.13
C ILE B 180 15.26 -7.21 -6.39
N THR B 181 15.29 -5.89 -6.43
CA THR B 181 14.87 -5.16 -7.63
C THR B 181 15.75 -5.57 -8.81
N ASP B 182 17.05 -5.66 -8.56
CA ASP B 182 17.99 -6.08 -9.59
C ASP B 182 17.64 -7.47 -10.09
N THR B 183 17.29 -8.35 -9.16
CA THR B 183 16.91 -9.72 -9.51
C THR B 183 15.67 -9.73 -10.40
N LEU B 184 14.69 -8.91 -10.05
CA LEU B 184 13.48 -8.81 -10.85
C LEU B 184 13.78 -8.38 -12.28
N ILE B 185 14.51 -7.26 -12.41
CA ILE B 185 14.92 -6.78 -13.72
C ILE B 185 15.71 -7.85 -14.48
N HIS B 186 16.64 -8.49 -13.77
CA HIS B 186 17.42 -9.58 -14.34
C HIS B 186 16.50 -10.62 -14.97
N LEU B 187 15.46 -11.02 -14.23
CA LEU B 187 14.50 -12.00 -14.71
C LEU B 187 13.80 -11.53 -15.98
N MET B 188 13.24 -10.32 -15.92
CA MET B 188 12.50 -9.76 -17.04
C MET B 188 13.38 -9.63 -18.29
N ALA B 189 14.62 -9.22 -18.08
CA ALA B 189 15.58 -9.17 -19.18
C ALA B 189 15.81 -10.56 -19.73
N LYS B 190 15.91 -11.53 -18.83
CA LYS B 190 16.11 -12.93 -19.20
C LYS B 190 14.93 -13.43 -20.03
N ALA B 191 13.76 -12.83 -19.80
CA ALA B 191 12.54 -13.22 -20.49
C ALA B 191 12.43 -12.56 -21.87
N GLY B 192 13.44 -11.76 -22.21
CA GLY B 192 13.50 -11.12 -23.52
C GLY B 192 12.74 -9.82 -23.63
N LEU B 193 12.41 -9.23 -22.48
CA LEU B 193 11.72 -7.94 -22.46
C LEU B 193 12.67 -6.79 -22.77
N THR B 194 12.19 -5.83 -23.56
CA THR B 194 12.96 -4.63 -23.82
C THR B 194 13.11 -3.86 -22.52
N LEU B 195 14.09 -2.96 -22.47
CA LEU B 195 14.34 -2.18 -21.26
C LEU B 195 13.08 -1.42 -20.84
N GLN B 196 12.36 -0.88 -21.81
CA GLN B 196 11.12 -0.17 -21.54
C GLN B 196 10.08 -1.12 -20.95
N GLN B 197 10.06 -2.35 -21.44
CA GLN B 197 9.11 -3.35 -20.97
C GLN B 197 9.44 -3.82 -19.56
N GLN B 198 10.73 -3.90 -19.25
CA GLN B 198 11.19 -4.31 -17.93
C GLN B 198 10.74 -3.31 -16.87
N HIS B 199 11.01 -2.04 -17.13
CA HIS B 199 10.62 -0.96 -16.23
C HIS B 199 9.10 -0.94 -16.02
N GLN B 200 8.35 -1.07 -17.10
CA GLN B 200 6.89 -1.05 -17.03
C GLN B 200 6.35 -2.20 -16.19
N ARG B 201 6.85 -3.40 -16.45
CA ARG B 201 6.42 -4.58 -15.71
C ARG B 201 6.83 -4.48 -14.24
N LEU B 202 8.04 -3.98 -14.01
CA LEU B 202 8.53 -3.79 -12.65
C LEU B 202 7.58 -2.89 -11.87
N ALA B 203 7.18 -1.78 -12.50
CA ALA B 203 6.26 -0.84 -11.88
C ALA B 203 4.90 -1.48 -11.66
N GLN B 204 4.44 -2.26 -12.65
CA GLN B 204 3.16 -2.94 -12.55
C GLN B 204 3.14 -3.89 -11.36
N LEU B 205 4.22 -4.64 -11.17
CA LEU B 205 4.32 -5.60 -10.07
C LEU B 205 4.31 -4.90 -8.73
N LEU B 206 4.98 -3.75 -8.65
CA LEU B 206 5.10 -3.02 -7.39
C LEU B 206 3.82 -2.27 -7.02
N LEU B 207 3.09 -1.81 -8.02
CA LEU B 207 1.82 -1.13 -7.79
C LEU B 207 0.79 -2.07 -7.19
N ILE B 208 1.01 -3.38 -7.38
CA ILE B 208 0.12 -4.39 -6.86
C ILE B 208 0.28 -4.54 -5.35
N LEU B 209 1.49 -4.29 -4.86
CA LEU B 209 1.78 -4.42 -3.44
C LEU B 209 1.00 -3.37 -2.63
N SER B 210 0.69 -2.25 -3.27
CA SER B 210 -0.13 -1.22 -2.64
C SER B 210 -1.53 -1.76 -2.39
N HIS B 211 -2.05 -2.52 -3.35
CA HIS B 211 -3.38 -3.11 -3.23
C HIS B 211 -3.39 -4.28 -2.25
N ILE B 212 -2.27 -4.99 -2.17
CA ILE B 212 -2.13 -6.07 -1.19
C ILE B 212 -2.05 -5.50 0.22
N ARG B 213 -1.41 -4.33 0.34
CA ARG B 213 -1.37 -3.61 1.61
C ARG B 213 -2.77 -3.19 2.00
N HIS B 214 -3.55 -2.74 1.02
CA HIS B 214 -4.91 -2.30 1.26
C HIS B 214 -5.79 -3.44 1.76
N MET B 215 -5.69 -4.58 1.11
CA MET B 215 -6.46 -5.75 1.50
C MET B 215 -6.09 -6.21 2.91
N SER B 216 -4.80 -6.14 3.22
CA SER B 216 -4.32 -6.52 4.54
C SER B 216 -4.94 -5.64 5.62
N ASN B 217 -4.90 -4.33 5.40
CA ASN B 217 -5.47 -3.37 6.34
C ASN B 217 -6.94 -3.65 6.63
N LYS B 218 -7.72 -3.80 5.56
CA LYS B 218 -9.16 -4.06 5.69
C LYS B 218 -9.41 -5.36 6.43
N GLY B 219 -8.69 -6.41 6.04
CA GLY B 219 -8.83 -7.71 6.67
C GLY B 219 -8.48 -7.66 8.14
N MET B 220 -7.44 -6.91 8.48
CA MET B 220 -7.01 -6.79 9.88
C MET B 220 -8.14 -6.22 10.73
N GLU B 221 -8.93 -5.32 10.13
CA GLU B 221 -10.07 -4.73 10.82
C GLU B 221 -11.22 -5.72 10.97
N HIS B 222 -11.47 -6.51 9.93
N HIS B 222 -11.46 -6.51 9.92
CA HIS B 222 -12.51 -7.52 9.97
CA HIS B 222 -12.51 -7.52 9.97
C HIS B 222 -12.16 -8.60 10.99
C HIS B 222 -12.17 -8.64 10.94
N LEU B 223 -10.88 -8.95 11.05
CA LEU B 223 -10.41 -9.98 11.97
C LEU B 223 -10.55 -9.51 13.41
N TYR B 224 -10.33 -8.22 13.64
CA TYR B 224 -10.47 -7.64 14.96
C TYR B 224 -11.90 -7.76 15.48
N SER B 225 -12.86 -7.50 14.61
CA SER B 225 -14.27 -7.57 14.98
C SER B 225 -14.68 -9.01 15.25
N MET B 226 -14.16 -9.93 14.45
CA MET B 226 -14.39 -11.35 14.66
C MET B 226 -13.97 -11.73 16.07
N LYS B 227 -12.81 -11.23 16.48
CA LYS B 227 -12.31 -11.46 17.84
C LYS B 227 -13.34 -11.00 18.86
N CYS B 228 -13.81 -9.77 18.71
CA CYS B 228 -14.80 -9.21 19.62
C CYS B 228 -16.10 -9.99 19.59
N LYS B 229 -16.53 -10.38 18.39
CA LYS B 229 -17.73 -11.19 18.24
C LYS B 229 -17.57 -12.51 18.99
N ASN B 230 -16.33 -13.00 19.04
CA ASN B 230 -16.02 -14.20 19.79
C ASN B 230 -16.84 -15.42 19.36
N VAL B 231 -16.78 -15.74 18.07
CA VAL B 231 -17.43 -16.92 17.53
C VAL B 231 -16.47 -17.72 16.65
N VAL B 232 -15.78 -17.02 15.76
CA VAL B 232 -14.77 -17.64 14.92
C VAL B 232 -13.47 -17.79 15.70
N PRO B 233 -13.07 -19.03 15.97
CA PRO B 233 -11.88 -19.34 16.78
C PRO B 233 -10.61 -18.69 16.22
N LEU B 234 -9.79 -18.15 17.11
CA LEU B 234 -8.53 -17.52 16.72
C LEU B 234 -7.39 -18.00 17.62
N SER B 235 -6.33 -18.52 17.00
CA SER B 235 -5.21 -19.05 17.75
C SER B 235 -4.47 -17.97 18.53
N ASP B 236 -3.81 -18.37 19.61
CA ASP B 236 -3.05 -17.44 20.44
C ASP B 236 -2.07 -16.63 19.59
N LEU B 237 -1.47 -17.28 18.61
CA LEU B 237 -0.52 -16.61 17.73
C LEU B 237 -1.21 -15.56 16.87
N LEU B 238 -2.25 -15.97 16.16
CA LEU B 238 -3.04 -15.05 15.34
C LEU B 238 -3.49 -13.84 16.15
N LEU B 239 -3.96 -14.09 17.37
CA LEU B 239 -4.39 -13.02 18.26
C LEU B 239 -3.22 -12.08 18.58
N GLU B 240 -2.06 -12.66 18.86
CA GLU B 240 -0.88 -11.88 19.17
C GLU B 240 -0.42 -11.05 17.97
N MET B 241 -0.41 -11.68 16.80
CA MET B 241 -0.12 -10.96 15.55
C MET B 241 -1.10 -9.81 15.39
N LEU B 242 -2.38 -10.14 15.48
CA LEU B 242 -3.45 -9.16 15.35
C LEU B 242 -3.29 -8.00 16.34
N ASP B 243 -3.00 -8.35 17.60
CA ASP B 243 -2.86 -7.35 18.65
C ASP B 243 -1.77 -6.33 18.32
N ALA B 244 -0.78 -6.75 17.56
CA ALA B 244 0.33 -5.88 17.19
C ALA B 244 -0.14 -4.66 16.41
N HIS B 245 -1.08 -4.86 15.50
CA HIS B 245 -1.61 -3.76 14.70
C HIS B 245 -2.50 -2.83 15.52
N ARG B 246 -2.64 -3.14 16.81
CA ARG B 246 -3.49 -2.34 17.68
C ARG B 246 -2.66 -1.36 18.52
N LEU B 247 -1.72 -0.69 17.87
CA LEU B 247 -0.88 0.30 18.53
C LEU B 247 0.03 -0.34 19.57
N HIS C 1 -27.05 10.77 -4.70
CA HIS C 1 -26.56 11.97 -5.40
C HIS C 1 -25.41 12.63 -4.62
N LYS C 2 -24.19 12.21 -4.96
CA LYS C 2 -23.00 12.69 -4.27
C LYS C 2 -22.62 14.10 -4.71
N ILE C 3 -22.08 14.88 -3.77
CA ILE C 3 -21.52 16.19 -4.08
C ILE C 3 -20.41 16.03 -5.12
N LEU C 4 -19.68 14.93 -5.01
CA LEU C 4 -18.57 14.65 -5.92
C LEU C 4 -19.07 14.48 -7.35
N HIS C 5 -20.26 13.91 -7.49
CA HIS C 5 -20.89 13.76 -8.80
C HIS C 5 -21.09 15.11 -9.47
N ARG C 6 -21.40 16.12 -8.67
CA ARG C 6 -21.70 17.45 -9.18
C ARG C 6 -20.41 18.22 -9.52
N LEU C 7 -19.43 18.15 -8.62
CA LEU C 7 -18.18 18.88 -8.79
C LEU C 7 -17.34 18.38 -9.96
N LEU C 8 -17.47 17.10 -10.28
CA LEU C 8 -16.70 16.52 -11.39
C LEU C 8 -17.23 16.94 -12.75
N GLN C 9 -18.46 17.46 -12.77
CA GLN C 9 -19.07 17.94 -14.01
C GLN C 9 -18.55 19.33 -14.37
N ASP C 10 -18.64 20.25 -13.41
CA ASP C 10 -18.21 21.62 -13.64
C ASP C 10 -16.70 21.76 -13.52
N LYS D 2 6.36 -13.95 24.12
CA LYS D 2 5.79 -13.71 22.81
C LYS D 2 6.06 -14.88 21.87
N ILE D 3 4.99 -15.45 21.34
CA ILE D 3 5.10 -16.64 20.48
C ILE D 3 6.00 -16.40 19.27
N LEU D 4 5.70 -15.34 18.52
CA LEU D 4 6.49 -15.01 17.34
C LEU D 4 7.96 -14.83 17.70
N HIS D 5 8.21 -14.16 18.82
CA HIS D 5 9.55 -13.97 19.33
C HIS D 5 10.23 -15.32 19.59
N ARG D 6 9.47 -16.25 20.17
CA ARG D 6 9.98 -17.57 20.50
C ARG D 6 10.29 -18.39 19.25
N LEU D 7 9.31 -18.48 18.35
CA LEU D 7 9.46 -19.27 17.14
C LEU D 7 10.61 -18.78 16.27
N LEU D 8 10.85 -17.47 16.30
CA LEU D 8 11.96 -16.87 15.55
C LEU D 8 13.30 -17.25 16.17
N GLN D 9 13.31 -17.44 17.48
CA GLN D 9 14.55 -17.66 18.22
C GLN D 9 15.10 -19.08 18.06
N ASP D 10 14.26 -20.01 17.59
CA ASP D 10 14.69 -21.38 17.39
C ASP D 10 14.21 -21.93 16.05
#